data_5U42
#
_entry.id   5U42
#
_cell.length_a   39.660
_cell.length_b   95.130
_cell.length_c   96.520
_cell.angle_alpha   90.00
_cell.angle_beta   98.04
_cell.angle_gamma   90.00
#
_symmetry.space_group_name_H-M   'P 1 21 1'
#
loop_
_entity.id
_entity.type
_entity.pdbx_description
1 polymer 'Peroxisome proliferator-activated receptor delta'
2 non-polymer 'heptyl beta-D-glucopyranoside'
3 non-polymer "6-(2-{[cyclopropyl(3'-methoxy[1,1'-biphenyl]-4-carbonyl)amino]methyl}phenoxy)hexanoic acid"
4 non-polymer S-1,2-PROPANEDIOL
5 non-polymer DI(HYDROXYETHYL)ETHER
6 water water
#
_entity_poly.entity_id   1
_entity_poly.type   'polypeptide(L)'
_entity_poly.pdbx_seq_one_letter_code
;PQVADLKAFSKHIYNAYLKNFNMTKKKARSILTGKASHTAPFVIHDIETLWQAEKGLVWKQLVNGLPPYKEISVHVFYRC
QCTTVETVRELTEFAKSIPSFSSLFLNDQVTLLKYGVHEAIFAMLASIVNKDGLLVANGSGFVTREFLRSLRKPFSDIIE
PKFEFAVKFNALELDDSDLALFIAAIILCGDRPGLMNVPRVEAIQDTILRALEFHLQANHPDAQYLFPKLLQKMADLRQL
VTEHAQMMQRIKKTETETSLHPLLQEIYKDMY
;
_entity_poly.pdbx_strand_id   A,B
#
# COMPACT_ATOMS: atom_id res chain seq x y z
N PRO A 1 20.33 -27.95 -4.62
CA PRO A 1 19.24 -27.28 -5.35
C PRO A 1 18.83 -25.96 -4.71
N GLN A 2 18.34 -26.01 -3.47
CA GLN A 2 17.81 -24.82 -2.85
C GLN A 2 18.91 -23.80 -2.58
N VAL A 3 20.15 -24.25 -2.42
CA VAL A 3 21.23 -23.31 -2.16
C VAL A 3 21.41 -22.43 -3.38
N ALA A 4 21.23 -23.01 -4.56
CA ALA A 4 21.37 -22.25 -5.80
C ALA A 4 20.17 -21.32 -6.01
N ASP A 5 18.96 -21.79 -5.72
CA ASP A 5 17.78 -20.96 -5.94
C ASP A 5 17.82 -19.73 -5.03
N LEU A 6 18.21 -19.94 -3.79
CA LEU A 6 18.24 -18.86 -2.83
C LEU A 6 19.30 -17.81 -3.19
N LYS A 7 20.34 -18.25 -3.87
CA LYS A 7 21.37 -17.30 -4.33
C LYS A 7 20.79 -16.33 -5.35
N ALA A 8 19.99 -16.84 -6.28
CA ALA A 8 19.33 -15.96 -7.25
C ALA A 8 18.41 -14.97 -6.53
N PHE A 9 17.58 -15.49 -5.63
CA PHE A 9 16.66 -14.69 -4.81
C PHE A 9 17.39 -13.55 -4.12
N SER A 10 18.54 -13.86 -3.54
CA SER A 10 19.33 -12.86 -2.83
C SER A 10 19.82 -11.74 -3.73
N LYS A 11 20.19 -12.08 -4.97
CA LYS A 11 20.69 -11.07 -5.92
C LYS A 11 19.59 -10.09 -6.29
N HIS A 12 18.36 -10.57 -6.46
N HIS A 12 18.36 -10.58 -6.44
CA HIS A 12 17.23 -9.69 -6.74
CA HIS A 12 17.23 -9.70 -6.76
C HIS A 12 17.05 -8.70 -5.58
C HIS A 12 16.85 -8.77 -5.59
N ILE A 13 17.05 -9.23 -4.36
CA ILE A 13 16.91 -8.40 -3.16
CA ILE A 13 16.86 -8.35 -3.21
C ILE A 13 18.00 -7.32 -3.11
N TYR A 14 19.21 -7.73 -3.42
CA TYR A 14 20.33 -6.78 -3.43
C TYR A 14 20.13 -5.71 -4.50
N ASN A 15 19.65 -6.12 -5.67
CA ASN A 15 19.37 -5.14 -6.71
C ASN A 15 18.26 -4.17 -6.32
N ALA A 16 17.25 -4.67 -5.61
CA ALA A 16 16.21 -3.78 -5.06
C ALA A 16 16.80 -2.74 -4.12
N TYR A 17 17.75 -3.17 -3.32
CA TYR A 17 18.43 -2.31 -2.39
C TYR A 17 19.25 -1.24 -3.11
N LEU A 18 20.05 -1.66 -4.09
CA LEU A 18 20.91 -0.72 -4.80
C LEU A 18 20.10 0.27 -5.61
N LYS A 19 18.92 -0.14 -6.05
CA LYS A 19 18.06 0.73 -6.83
C LYS A 19 17.38 1.84 -6.04
N ASN A 20 17.16 1.60 -4.75
CA ASN A 20 16.20 2.39 -3.99
C ASN A 20 16.77 3.18 -2.83
N PHE A 21 17.92 2.79 -2.31
CA PHE A 21 18.47 3.53 -1.18
C PHE A 21 19.44 4.61 -1.58
N ASN A 22 19.29 5.73 -0.92
CA ASN A 22 20.05 6.93 -1.25
C ASN A 22 21.53 6.75 -1.02
N MET A 23 21.87 6.12 0.09
CA MET A 23 23.28 5.90 0.37
C MET A 23 23.53 4.48 0.76
N THR A 24 24.60 3.92 0.22
CA THR A 24 25.03 2.58 0.60
C THR A 24 25.97 2.65 1.81
N LYS A 25 26.07 1.54 2.54
CA LYS A 25 27.07 1.46 3.58
C LYS A 25 28.47 1.63 3.00
N LYS A 26 28.72 1.07 1.81
CA LYS A 26 30.03 1.21 1.21
C LYS A 26 30.41 2.69 1.05
N LYS A 27 29.47 3.47 0.54
CA LYS A 27 29.73 4.89 0.35
C LYS A 27 29.86 5.57 1.70
N ALA A 28 28.96 5.27 2.62
CA ALA A 28 29.05 5.90 3.94
C ALA A 28 30.39 5.62 4.63
N ARG A 29 30.88 4.39 4.60
CA ARG A 29 32.16 4.14 5.29
C ARG A 29 33.32 4.81 4.59
N SER A 30 33.23 5.01 3.28
CA SER A 30 34.32 5.66 2.59
C SER A 30 34.36 7.12 3.02
N ILE A 31 33.20 7.72 3.28
CA ILE A 31 33.16 9.10 3.75
C ILE A 31 33.65 9.18 5.18
N LEU A 32 33.12 8.33 6.05
CA LEU A 32 33.49 8.36 7.46
C LEU A 32 34.95 8.09 7.74
N THR A 33 35.62 7.33 6.88
CA THR A 33 37.02 6.98 7.13
C THR A 33 37.99 7.90 6.39
N GLY A 34 37.46 8.78 5.54
CA GLY A 34 38.27 9.68 4.77
C GLY A 34 38.77 9.09 3.45
N LYS A 35 38.47 7.82 3.24
CA LYS A 35 39.06 7.08 2.13
C LYS A 35 38.75 7.69 0.76
N ALA A 36 39.76 8.36 0.20
CA ALA A 36 39.71 8.89 -1.17
C ALA A 36 38.57 9.87 -1.41
N SER A 37 38.84 11.14 -1.18
CA SER A 37 37.90 12.20 -1.53
C SER A 37 38.51 13.58 -1.43
N HIS A 38 38.11 14.44 -2.37
CA HIS A 38 38.55 15.83 -2.40
C HIS A 38 37.74 16.71 -1.47
N THR A 39 36.71 16.15 -0.86
CA THR A 39 35.81 16.87 0.04
C THR A 39 35.61 16.07 1.33
N ALA A 40 35.59 16.77 2.46
CA ALA A 40 35.31 16.13 3.74
C ALA A 40 34.04 16.73 4.33
N PRO A 41 33.28 15.92 5.08
CA PRO A 41 32.04 16.48 5.61
C PRO A 41 32.30 17.63 6.56
N PHE A 42 31.42 18.59 6.51
CA PHE A 42 31.40 19.70 7.45
C PHE A 42 30.96 19.22 8.83
N VAL A 43 31.73 19.53 9.88
CA VAL A 43 31.40 18.99 11.19
C VAL A 43 30.52 19.93 11.98
N ILE A 44 29.38 19.40 12.40
CA ILE A 44 28.41 20.09 13.25
C ILE A 44 28.56 19.62 14.68
N HIS A 45 29.05 20.52 15.53
CA HIS A 45 29.36 20.15 16.92
C HIS A 45 28.88 21.14 17.95
N ASP A 46 28.27 22.23 17.48
CA ASP A 46 27.76 23.27 18.39
C ASP A 46 26.76 24.17 17.66
N ILE A 47 26.19 25.13 18.35
CA ILE A 47 25.20 26.00 17.74
C ILE A 47 25.73 26.78 16.54
N GLU A 48 26.93 27.33 16.64
CA GLU A 48 27.50 28.09 15.53
C GLU A 48 27.70 27.26 14.26
N THR A 49 28.16 26.01 14.39
CA THR A 49 28.36 25.19 13.22
C THR A 49 27.03 24.65 12.72
N LEU A 50 26.05 24.51 13.61
CA LEU A 50 24.73 24.13 13.16
C LEU A 50 24.14 25.22 12.26
N TRP A 51 24.23 26.47 12.69
CA TRP A 51 23.76 27.59 11.90
C TRP A 51 24.52 27.66 10.58
N GLN A 52 25.84 27.54 10.60
CA GLN A 52 26.61 27.55 9.36
C GLN A 52 26.19 26.44 8.39
N ALA A 53 25.86 25.28 8.92
CA ALA A 53 25.41 24.17 8.09
C ALA A 53 24.04 24.43 7.45
N GLU A 54 23.13 25.05 8.19
CA GLU A 54 21.82 25.38 7.62
C GLU A 54 22.00 26.47 6.57
N LYS A 55 22.98 27.35 6.78
CA LYS A 55 23.25 28.40 5.80
C LYS A 55 23.86 27.84 4.53
N GLY A 56 24.71 26.83 4.69
CA GLY A 56 25.64 26.44 3.65
C GLY A 56 25.58 25.02 3.10
N LEU A 57 25.02 24.05 3.82
CA LEU A 57 24.89 22.69 3.27
C LEU A 57 23.61 22.53 2.46
N VAL A 58 23.62 21.55 1.57
CA VAL A 58 22.46 21.24 0.74
C VAL A 58 21.63 20.19 1.43
N TRP A 59 20.40 20.56 1.75
CA TRP A 59 19.50 19.67 2.45
C TRP A 59 18.41 19.18 1.51
N LYS A 60 18.13 17.88 1.60
CA LYS A 60 17.06 17.26 0.83
C LYS A 60 15.78 18.04 1.11
N GLN A 61 15.58 18.37 2.38
CA GLN A 61 14.46 19.17 2.82
C GLN A 61 14.88 20.62 3.08
N LEU A 62 14.35 21.54 2.28
CA LEU A 62 14.62 22.96 2.44
C LEU A 62 14.16 23.48 3.81
N VAL A 63 15.02 24.26 4.47
CA VAL A 63 14.76 24.65 5.85
C VAL A 63 13.43 25.38 5.96
N ASN A 64 13.06 26.12 4.93
CA ASN A 64 11.82 26.88 4.96
C ASN A 64 10.60 25.98 4.93
N GLY A 65 10.81 24.71 4.59
CA GLY A 65 9.73 23.73 4.55
C GLY A 65 9.47 23.06 5.89
N LEU A 66 10.45 23.10 6.79
CA LEU A 66 10.25 22.54 8.12
C LEU A 66 9.15 23.33 8.82
N PRO A 67 8.59 22.77 9.91
CA PRO A 67 7.64 23.55 10.71
C PRO A 67 8.30 24.77 11.31
N PRO A 68 7.50 25.73 11.78
CA PRO A 68 7.99 26.97 12.36
C PRO A 68 9.05 26.74 13.42
N TYR A 69 10.09 27.55 13.40
CA TYR A 69 11.19 27.37 14.31
C TYR A 69 10.75 27.54 15.75
N LYS A 70 11.18 26.62 16.62
CA LYS A 70 10.87 26.77 18.06
C LYS A 70 12.15 26.99 18.89
N GLU A 71 13.12 26.09 18.77
CA GLU A 71 14.39 26.16 19.51
C GLU A 71 15.37 25.15 18.94
N ILE A 72 16.63 25.18 19.35
CA ILE A 72 17.65 24.32 18.75
C ILE A 72 17.33 22.82 18.83
N SER A 73 16.93 22.37 20.00
CA SER A 73 16.66 20.94 20.22
C SER A 73 15.50 20.44 19.39
N VAL A 74 14.47 21.28 19.22
CA VAL A 74 13.30 20.91 18.41
C VAL A 74 13.67 20.98 16.94
N HIS A 75 14.48 21.96 16.57
CA HIS A 75 14.90 22.06 15.18
C HIS A 75 15.65 20.78 14.79
N VAL A 76 16.50 20.28 15.68
CA VAL A 76 17.21 19.04 15.39
C VAL A 76 16.23 17.89 15.26
N PHE A 77 15.26 17.81 16.17
CA PHE A 77 14.20 16.81 16.09
C PHE A 77 13.46 16.89 14.78
N TYR A 78 13.20 18.09 14.28
CA TYR A 78 12.49 18.23 13.01
C TYR A 78 13.33 17.68 11.83
N ARG A 79 14.64 17.91 11.86
CA ARG A 79 15.56 17.35 10.84
C ARG A 79 15.55 15.81 10.92
N CYS A 80 15.52 15.31 12.14
CA CYS A 80 15.45 13.86 12.37
C CYS A 80 14.18 13.29 11.77
N GLN A 81 13.07 13.95 12.05
CA GLN A 81 11.79 13.55 11.42
C GLN A 81 11.80 13.58 9.91
N CYS A 82 12.40 14.62 9.33
CA CYS A 82 12.44 14.68 7.86
C CYS A 82 13.14 13.46 7.28
N THR A 83 14.25 13.11 7.88
CA THR A 83 15.02 11.98 7.41
C THR A 83 14.30 10.65 7.65
N THR A 84 13.63 10.52 8.79
N THR A 84 13.60 10.47 8.76
CA THR A 84 12.87 9.32 9.10
CA THR A 84 12.93 9.17 8.93
C THR A 84 11.82 9.11 7.99
C THR A 84 11.77 9.06 7.94
N VAL A 85 11.06 10.15 7.67
CA VAL A 85 10.01 10.09 6.64
C VAL A 85 10.60 9.78 5.25
N GLU A 86 11.73 10.38 4.91
CA GLU A 86 12.39 10.09 3.64
C GLU A 86 12.82 8.63 3.58
N THR A 87 13.25 8.08 4.71
CA THR A 87 13.70 6.70 4.71
C THR A 87 12.48 5.77 4.63
N VAL A 88 11.36 6.16 5.22
CA VAL A 88 10.13 5.35 5.03
C VAL A 88 9.80 5.29 3.56
N ARG A 89 9.94 6.40 2.85
CA ARG A 89 9.69 6.40 1.42
C ARG A 89 10.59 5.42 0.68
N GLU A 90 11.88 5.45 1.01
CA GLU A 90 12.85 4.52 0.39
C GLU A 90 12.57 3.07 0.70
N LEU A 91 12.26 2.78 1.96
CA LEU A 91 11.92 1.42 2.39
C LEU A 91 10.69 0.92 1.68
N THR A 92 9.71 1.79 1.48
CA THR A 92 8.52 1.43 0.75
C THR A 92 8.86 1.03 -0.70
N GLU A 93 9.69 1.81 -1.38
CA GLU A 93 10.06 1.46 -2.76
C GLU A 93 10.95 0.22 -2.79
N PHE A 94 11.86 0.07 -1.85
CA PHE A 94 12.61 -1.18 -1.71
C PHE A 94 11.67 -2.39 -1.59
N ALA A 95 10.73 -2.32 -0.65
CA ALA A 95 9.79 -3.41 -0.45
C ALA A 95 9.03 -3.71 -1.70
N LYS A 96 8.55 -2.67 -2.37
N LYS A 96 8.54 -2.67 -2.36
CA LYS A 96 7.75 -2.87 -3.58
CA LYS A 96 7.76 -2.86 -3.58
C LYS A 96 8.58 -3.41 -4.75
C LYS A 96 8.59 -3.51 -4.71
N SER A 97 9.91 -3.35 -4.65
CA SER A 97 10.80 -3.92 -5.68
C SER A 97 11.10 -5.39 -5.42
N ILE A 98 10.56 -5.92 -4.34
CA ILE A 98 10.64 -7.36 -4.04
C ILE A 98 9.31 -8.03 -4.47
N PRO A 99 9.32 -8.92 -5.48
CA PRO A 99 8.06 -9.40 -6.05
C PRO A 99 7.11 -10.05 -5.04
N SER A 100 7.64 -10.82 -4.12
CA SER A 100 6.75 -11.49 -3.17
C SER A 100 6.13 -10.48 -2.18
N PHE A 101 6.73 -9.30 -1.98
CA PHE A 101 6.07 -8.27 -1.18
C PHE A 101 4.95 -7.61 -2.01
N SER A 102 5.22 -7.29 -3.28
CA SER A 102 4.26 -6.63 -4.13
C SER A 102 3.04 -7.47 -4.45
N SER A 103 3.19 -8.79 -4.33
CA SER A 103 2.10 -9.73 -4.59
C SER A 103 1.13 -9.83 -3.42
N LEU A 104 1.52 -9.33 -2.24
CA LEU A 104 0.64 -9.27 -1.09
C LEU A 104 -0.45 -8.22 -1.34
N PHE A 105 -1.63 -8.40 -0.75
CA PHE A 105 -2.65 -7.37 -0.84
C PHE A 105 -2.09 -6.09 -0.21
N LEU A 106 -2.52 -4.98 -0.74
CA LEU A 106 -1.96 -3.70 -0.34
C LEU A 106 -2.12 -3.41 1.15
N ASN A 107 -3.21 -3.87 1.75
CA ASN A 107 -3.39 -3.64 3.17
C ASN A 107 -2.38 -4.39 4.02
N ASP A 108 -1.99 -5.59 3.58
CA ASP A 108 -0.90 -6.28 4.28
C ASP A 108 0.44 -5.58 4.02
N GLN A 109 0.63 -5.00 2.83
CA GLN A 109 1.84 -4.24 2.59
C GLN A 109 1.99 -3.09 3.58
N VAL A 110 0.89 -2.38 3.81
CA VAL A 110 0.88 -1.26 4.76
C VAL A 110 1.14 -1.74 6.17
N THR A 111 0.50 -2.85 6.55
CA THR A 111 0.72 -3.38 7.89
C THR A 111 2.19 -3.74 8.12
N LEU A 112 2.84 -4.37 7.15
CA LEU A 112 4.26 -4.70 7.30
C LEU A 112 5.14 -3.46 7.41
N LEU A 113 4.85 -2.45 6.61
CA LEU A 113 5.67 -1.24 6.65
C LEU A 113 5.42 -0.50 7.97
N LYS A 114 4.17 -0.40 8.38
CA LYS A 114 3.84 0.28 9.63
C LYS A 114 4.61 -0.25 10.83
N TYR A 115 4.67 -1.57 10.95
CA TYR A 115 5.33 -2.15 12.12
C TYR A 115 6.80 -2.55 11.94
N GLY A 116 7.29 -2.44 10.71
CA GLY A 116 8.65 -2.79 10.36
C GLY A 116 9.61 -1.64 10.01
N VAL A 117 9.10 -0.49 9.58
CA VAL A 117 10.03 0.52 9.05
C VAL A 117 10.94 1.06 10.14
N HIS A 118 10.48 1.30 11.37
CA HIS A 118 11.48 1.83 12.33
C HIS A 118 12.58 0.84 12.68
N GLU A 119 12.22 -0.46 12.78
CA GLU A 119 13.25 -1.43 12.99
C GLU A 119 14.31 -1.36 11.87
N ALA A 120 13.84 -1.22 10.64
CA ALA A 120 14.71 -1.23 9.47
C ALA A 120 15.53 0.04 9.45
N ILE A 121 14.89 1.14 9.81
CA ILE A 121 15.57 2.44 9.87
C ILE A 121 16.71 2.36 10.87
N PHE A 122 16.48 1.83 12.06
CA PHE A 122 17.55 1.82 13.05
C PHE A 122 18.67 0.85 12.72
N ALA A 123 18.35 -0.20 12.01
CA ALA A 123 19.42 -1.06 11.45
C ALA A 123 20.27 -0.37 10.36
N MET A 124 19.63 0.32 9.41
CA MET A 124 20.31 0.97 8.29
C MET A 124 21.09 2.17 8.82
N LEU A 125 20.61 2.74 9.91
CA LEU A 125 21.24 3.92 10.52
C LEU A 125 22.67 3.63 10.90
N ALA A 126 22.97 2.42 11.34
CA ALA A 126 24.32 2.07 11.70
C ALA A 126 25.32 2.29 10.59
N SER A 127 24.84 2.19 9.35
CA SER A 127 25.70 2.36 8.21
C SER A 127 26.34 3.76 8.16
N ILE A 128 25.64 4.75 8.70
CA ILE A 128 26.14 6.14 8.61
C ILE A 128 26.69 6.64 9.94
N VAL A 129 26.88 5.74 10.91
CA VAL A 129 27.23 6.09 12.27
C VAL A 129 28.60 5.58 12.58
N ASN A 130 29.37 6.33 13.37
CA ASN A 130 30.50 5.70 14.08
C ASN A 130 30.43 6.15 15.53
N LYS A 131 31.41 5.79 16.34
CA LYS A 131 31.27 6.03 17.76
C LYS A 131 31.24 7.53 18.08
N ASP A 132 31.64 8.35 17.10
CA ASP A 132 31.77 9.79 17.32
C ASP A 132 30.67 10.65 16.74
N GLY A 133 29.79 10.10 15.92
CA GLY A 133 28.76 10.90 15.27
C GLY A 133 28.16 10.20 14.06
N LEU A 134 27.41 10.96 13.27
CA LEU A 134 26.81 10.41 12.08
C LEU A 134 26.75 11.39 10.93
N LEU A 135 26.62 10.82 9.73
CA LEU A 135 26.53 11.60 8.50
C LEU A 135 25.13 12.19 8.36
N VAL A 136 25.09 13.39 7.81
CA VAL A 136 23.85 14.08 7.51
C VAL A 136 23.94 14.75 6.15
N ALA A 137 22.79 15.15 5.63
CA ALA A 137 22.77 15.93 4.40
C ALA A 137 23.51 15.19 3.29
N ASN A 138 23.12 13.93 3.06
CA ASN A 138 23.71 13.16 1.98
C ASN A 138 25.23 13.03 2.08
N GLY A 139 25.73 12.94 3.30
CA GLY A 139 27.15 12.75 3.54
C GLY A 139 27.98 14.04 3.49
N SER A 140 27.34 15.20 3.32
CA SER A 140 28.05 16.48 3.25
CA SER A 140 28.10 16.45 3.25
C SER A 140 28.30 17.07 4.62
N GLY A 141 27.63 16.52 5.64
CA GLY A 141 27.78 16.94 7.01
C GLY A 141 28.03 15.75 7.91
N PHE A 142 28.58 16.04 9.09
CA PHE A 142 28.78 15.04 10.14
C PHE A 142 28.41 15.70 11.46
N VAL A 143 27.40 15.17 12.15
CA VAL A 143 26.99 15.69 13.44
C VAL A 143 27.59 14.86 14.56
N THR A 144 28.26 15.50 15.51
CA THR A 144 28.89 14.75 16.58
C THR A 144 27.88 14.22 17.58
N ARG A 145 28.20 13.04 18.11
CA ARG A 145 27.44 12.41 19.16
C ARG A 145 27.42 13.28 20.41
N GLU A 146 28.55 13.92 20.72
CA GLU A 146 28.63 14.79 21.89
C GLU A 146 27.67 15.97 21.79
N PHE A 147 27.57 16.55 20.60
CA PHE A 147 26.61 17.61 20.39
C PHE A 147 25.18 17.10 20.58
N LEU A 148 24.83 15.95 20.01
CA LEU A 148 23.50 15.42 20.18
C LEU A 148 23.22 15.13 21.63
N ARG A 149 24.24 14.74 22.42
CA ARG A 149 24.04 14.51 23.86
C ARG A 149 23.72 15.76 24.62
N SER A 150 24.11 16.89 24.06
CA SER A 150 23.97 18.18 24.73
C SER A 150 22.58 18.81 24.53
N LEU A 151 21.75 18.20 23.70
CA LEU A 151 20.39 18.69 23.49
C LEU A 151 19.60 18.45 24.76
N ARG A 152 18.52 19.17 24.97
CA ARG A 152 17.83 19.00 26.23
C ARG A 152 17.03 17.71 26.17
N LYS A 153 16.81 17.12 27.34
CA LYS A 153 15.85 16.05 27.44
C LYS A 153 14.53 16.65 26.99
N PRO A 154 13.70 15.89 26.30
CA PRO A 154 13.73 14.48 25.91
C PRO A 154 14.46 14.18 24.62
N PHE A 155 15.02 15.19 23.97
CA PHE A 155 15.56 14.96 22.65
C PHE A 155 16.92 14.27 22.66
N SER A 156 17.75 14.56 23.64
CA SER A 156 19.03 13.85 23.74
C SER A 156 18.78 12.37 24.04
N ASP A 157 17.83 12.09 24.93
CA ASP A 157 17.53 10.70 25.34
C ASP A 157 17.02 9.80 24.23
N ILE A 158 16.32 10.35 23.25
CA ILE A 158 15.78 9.52 22.18
C ILE A 158 16.88 9.22 21.18
N ILE A 159 18.00 9.94 21.25
CA ILE A 159 19.04 9.75 20.25
C ILE A 159 20.09 8.76 20.72
N GLU A 160 20.55 8.85 21.97
CA GLU A 160 21.73 8.09 22.39
C GLU A 160 21.59 6.54 22.27
N PRO A 161 20.41 5.97 22.61
CA PRO A 161 20.27 4.50 22.47
C PRO A 161 20.57 3.94 21.08
N LYS A 162 20.34 4.74 20.06
CA LYS A 162 20.55 4.31 18.69
C LYS A 162 22.02 4.23 18.36
N PHE A 163 22.85 5.10 18.96
CA PHE A 163 24.28 4.98 18.81
C PHE A 163 24.79 3.73 19.48
N GLU A 164 24.25 3.48 20.66
CA GLU A 164 24.68 2.33 21.42
C GLU A 164 24.39 1.06 20.62
N PHE A 165 23.23 1.01 20.00
CA PHE A 165 22.90 -0.13 19.14
C PHE A 165 23.82 -0.20 17.92
N ALA A 166 23.98 0.91 17.24
CA ALA A 166 24.75 0.96 16.02
C ALA A 166 26.19 0.55 16.16
N VAL A 167 26.86 0.96 17.23
CA VAL A 167 28.27 0.65 17.36
C VAL A 167 28.44 -0.87 17.53
N LYS A 168 27.54 -1.48 18.29
CA LYS A 168 27.59 -2.94 18.44
C LYS A 168 27.24 -3.64 17.13
N PHE A 169 26.23 -3.17 16.43
CA PHE A 169 25.84 -3.76 15.15
C PHE A 169 26.98 -3.66 14.13
N ASN A 170 27.66 -2.51 14.08
CA ASN A 170 28.75 -2.37 13.10
C ASN A 170 29.96 -3.25 13.35
N ALA A 171 30.13 -3.71 14.59
CA ALA A 171 31.18 -4.64 14.89
C ALA A 171 30.97 -5.99 14.18
N LEU A 172 29.76 -6.30 13.72
CA LEU A 172 29.54 -7.51 12.92
C LEU A 172 30.01 -7.38 11.47
N GLU A 173 30.29 -6.17 11.01
CA GLU A 173 30.90 -5.90 9.71
C GLU A 173 30.08 -6.42 8.54
N LEU A 174 28.77 -6.25 8.59
CA LEU A 174 27.93 -6.56 7.43
C LEU A 174 28.28 -5.66 6.26
N ASP A 175 28.15 -6.18 5.04
CA ASP A 175 28.18 -5.31 3.85
C ASP A 175 26.78 -5.10 3.27
N ASP A 176 26.68 -4.35 2.17
CA ASP A 176 25.37 -3.94 1.66
C ASP A 176 24.56 -5.15 1.24
N SER A 177 25.24 -6.15 0.72
CA SER A 177 24.55 -7.35 0.24
C SER A 177 23.97 -8.15 1.41
N ASP A 178 24.64 -8.16 2.56
CA ASP A 178 24.08 -8.76 3.78
C ASP A 178 22.88 -7.94 4.29
N LEU A 179 23.04 -6.61 4.33
CA LEU A 179 22.00 -5.73 4.82
C LEU A 179 20.71 -5.78 4.03
N ALA A 180 20.82 -5.97 2.73
CA ALA A 180 19.65 -6.01 1.91
C ALA A 180 18.74 -7.16 2.36
N LEU A 181 19.35 -8.29 2.67
CA LEU A 181 18.61 -9.48 3.11
C LEU A 181 18.09 -9.28 4.53
N PHE A 182 18.93 -8.71 5.40
CA PHE A 182 18.55 -8.44 6.79
C PHE A 182 17.35 -7.53 6.86
N ILE A 183 17.39 -6.42 6.12
CA ILE A 183 16.29 -5.48 6.05
C ILE A 183 15.02 -6.09 5.44
N ALA A 184 15.19 -6.90 4.41
CA ALA A 184 14.01 -7.57 3.82
C ALA A 184 13.37 -8.49 4.86
N ALA A 185 14.19 -9.15 5.70
CA ALA A 185 13.66 -10.04 6.74
C ALA A 185 12.95 -9.28 7.85
N ILE A 186 13.42 -8.09 8.15
CA ILE A 186 12.73 -7.24 9.10
C ILE A 186 11.34 -6.82 8.57
N ILE A 187 11.25 -6.44 7.30
CA ILE A 187 9.98 -5.94 6.74
C ILE A 187 9.00 -7.09 6.53
N LEU A 188 9.47 -8.18 5.94
CA LEU A 188 8.64 -9.38 5.71
C LEU A 188 8.61 -10.28 6.93
N CYS A 189 7.84 -9.84 7.93
CA CYS A 189 7.80 -10.46 9.24
C CYS A 189 6.40 -10.88 9.60
N GLY A 190 6.21 -12.16 9.85
CA GLY A 190 4.88 -12.70 10.04
C GLY A 190 4.28 -12.42 11.39
N ASP A 191 5.04 -11.79 12.28
CA ASP A 191 4.61 -11.52 13.65
C ASP A 191 3.78 -10.21 13.77
N ARG A 192 3.68 -9.43 12.71
CA ARG A 192 3.10 -8.08 12.88
C ARG A 192 1.61 -8.12 13.18
N PRO A 193 1.15 -7.27 14.09
CA PRO A 193 -0.27 -7.27 14.46
C PRO A 193 -1.20 -6.97 13.28
N GLY A 194 -2.28 -7.72 13.14
CA GLY A 194 -3.32 -7.37 12.19
C GLY A 194 -3.08 -7.82 10.77
N LEU A 195 -2.03 -8.62 10.56
CA LEU A 195 -1.79 -9.20 9.24
C LEU A 195 -2.93 -10.06 8.81
N MET A 196 -3.28 -9.97 7.54
CA MET A 196 -4.37 -10.75 7.01
C MET A 196 -3.89 -12.13 6.62
N ASN A 197 -2.83 -12.22 5.82
CA ASN A 197 -2.33 -13.53 5.35
C ASN A 197 -1.03 -13.91 6.06
N VAL A 198 -1.14 -14.39 7.29
CA VAL A 198 0.05 -14.65 8.09
C VAL A 198 0.89 -15.79 7.48
N PRO A 199 0.27 -16.91 7.08
CA PRO A 199 1.05 -18.01 6.53
C PRO A 199 1.88 -17.59 5.32
N ARG A 200 1.34 -16.73 4.48
CA ARG A 200 2.08 -16.31 3.30
C ARG A 200 3.27 -15.49 3.70
N VAL A 201 3.08 -14.57 4.64
CA VAL A 201 4.17 -13.71 5.03
C VAL A 201 5.22 -14.57 5.78
N GLU A 202 4.76 -15.51 6.60
CA GLU A 202 5.69 -16.39 7.33
C GLU A 202 6.58 -17.17 6.37
N ALA A 203 5.98 -17.67 5.29
CA ALA A 203 6.70 -18.42 4.28
C ALA A 203 7.76 -17.58 3.55
N ILE A 204 7.40 -16.33 3.21
CA ILE A 204 8.35 -15.41 2.60
C ILE A 204 9.48 -15.09 3.58
N GLN A 205 9.15 -14.86 4.84
CA GLN A 205 10.13 -14.53 5.85
C GLN A 205 11.13 -15.68 5.97
N ASP A 206 10.62 -16.88 6.01
CA ASP A 206 11.46 -18.06 6.10
C ASP A 206 12.41 -18.19 4.90
N THR A 207 11.89 -17.98 3.70
CA THR A 207 12.76 -17.98 2.52
C THR A 207 13.89 -16.98 2.61
N ILE A 208 13.59 -15.78 3.10
CA ILE A 208 14.61 -14.75 3.20
C ILE A 208 15.65 -15.16 4.23
N LEU A 209 15.21 -15.77 5.32
CA LEU A 209 16.15 -16.16 6.36
C LEU A 209 17.04 -17.27 5.88
N ARG A 210 16.48 -18.21 5.11
CA ARG A 210 17.30 -19.26 4.54
C ARG A 210 18.31 -18.69 3.55
N ALA A 211 17.90 -17.71 2.75
CA ALA A 211 18.79 -17.05 1.82
C ALA A 211 19.92 -16.30 2.58
N LEU A 212 19.53 -15.61 3.64
CA LEU A 212 20.50 -14.93 4.46
C LEU A 212 21.53 -15.90 5.03
N GLU A 213 21.07 -17.01 5.62
CA GLU A 213 22.00 -17.97 6.22
C GLU A 213 23.03 -18.44 5.22
N PHE A 214 22.55 -18.72 4.02
CA PHE A 214 23.44 -19.25 3.01
C PHE A 214 24.36 -18.15 2.47
N HIS A 215 23.84 -16.93 2.39
CA HIS A 215 24.61 -15.78 1.89
C HIS A 215 25.79 -15.53 2.81
N LEU A 216 25.57 -15.69 4.11
CA LEU A 216 26.60 -15.45 5.10
C LEU A 216 27.64 -16.55 5.09
N GLN A 217 27.23 -17.77 4.74
CA GLN A 217 28.19 -18.86 4.63
C GLN A 217 29.20 -18.55 3.53
N ALA A 218 28.72 -17.98 2.44
CA ALA A 218 29.57 -17.68 1.29
C ALA A 218 30.41 -16.42 1.53
N ASN A 219 29.75 -15.35 1.98
CA ASN A 219 30.36 -14.01 2.05
C ASN A 219 31.22 -13.82 3.31
N HIS A 220 30.88 -14.53 4.39
CA HIS A 220 31.63 -14.46 5.66
C HIS A 220 31.97 -15.86 6.17
N PRO A 221 32.77 -16.60 5.41
CA PRO A 221 33.03 -18.01 5.71
C PRO A 221 33.77 -18.23 7.04
N ASP A 222 34.48 -17.22 7.52
CA ASP A 222 35.25 -17.33 8.76
C ASP A 222 34.51 -16.82 10.00
N ALA A 223 33.31 -16.27 9.80
CA ALA A 223 32.59 -15.65 10.91
C ALA A 223 31.69 -16.66 11.60
N GLN A 224 32.09 -17.05 12.80
CA GLN A 224 31.34 -18.05 13.55
C GLN A 224 30.17 -17.44 14.32
N TYR A 225 29.03 -18.11 14.21
CA TYR A 225 27.79 -17.74 14.88
C TYR A 225 27.13 -16.48 14.33
N LEU A 226 27.50 -16.04 13.13
CA LEU A 226 27.00 -14.76 12.64
C LEU A 226 25.50 -14.81 12.38
N PHE A 227 24.96 -15.92 11.87
CA PHE A 227 23.53 -15.94 11.61
C PHE A 227 22.73 -15.84 12.91
N PRO A 228 23.03 -16.67 13.91
CA PRO A 228 22.28 -16.52 15.15
C PRO A 228 22.49 -15.17 15.80
N LYS A 229 23.68 -14.60 15.69
CA LYS A 229 23.88 -13.23 16.21
C LYS A 229 22.91 -12.25 15.60
N LEU A 230 22.70 -12.35 14.30
CA LEU A 230 21.79 -11.44 13.60
C LEU A 230 20.33 -11.69 13.93
N LEU A 231 19.93 -12.93 14.21
CA LEU A 231 18.56 -13.16 14.66
C LEU A 231 18.35 -12.45 16.00
N GLN A 232 19.37 -12.49 16.86
CA GLN A 232 19.28 -11.81 18.14
C GLN A 232 19.20 -10.29 17.91
N LYS A 233 19.91 -9.76 16.93
CA LYS A 233 19.80 -8.33 16.61
C LYS A 233 18.40 -7.96 16.13
N MET A 234 17.75 -8.84 15.38
CA MET A 234 16.35 -8.61 15.03
C MET A 234 15.48 -8.53 16.26
N ALA A 235 15.69 -9.41 17.21
CA ALA A 235 14.98 -9.33 18.50
C ALA A 235 15.29 -8.03 19.21
N ASP A 236 16.58 -7.64 19.22
CA ASP A 236 17.03 -6.42 19.89
C ASP A 236 16.38 -5.19 19.28
N LEU A 237 16.21 -5.19 17.96
CA LEU A 237 15.58 -4.05 17.29
C LEU A 237 14.14 -3.87 17.71
N ARG A 238 13.47 -4.95 18.03
CA ARG A 238 12.08 -4.87 18.48
C ARG A 238 12.02 -4.12 19.79
N GLN A 239 12.97 -4.39 20.66
CA GLN A 239 12.99 -3.79 21.97
C GLN A 239 13.38 -2.30 21.82
N LEU A 240 14.29 -2.02 20.90
CA LEU A 240 14.75 -0.65 20.67
C LEU A 240 13.61 0.20 20.14
N VAL A 241 12.78 -0.38 19.31
CA VAL A 241 11.62 0.32 18.78
C VAL A 241 10.51 0.49 19.83
N THR A 242 10.25 -0.53 20.68
CA THR A 242 9.34 -0.35 21.83
C THR A 242 9.73 0.86 22.67
N GLU A 243 11.00 0.93 23.02
CA GLU A 243 11.51 2.07 23.82
C GLU A 243 11.36 3.38 23.06
N HIS A 244 11.62 3.39 21.76
CA HIS A 244 11.53 4.57 20.96
C HIS A 244 10.12 5.09 20.94
N ALA A 245 9.18 4.18 20.72
CA ALA A 245 7.78 4.55 20.70
C ALA A 245 7.31 5.08 22.07
N GLN A 246 7.85 4.54 23.16
CA GLN A 246 7.52 5.01 24.50
C GLN A 246 8.04 6.46 24.68
N MET A 247 9.23 6.72 24.19
CA MET A 247 9.82 8.06 24.25
C MET A 247 9.03 9.03 23.41
N MET A 248 8.58 8.61 22.23
CA MET A 248 7.72 9.45 21.37
C MET A 248 6.41 9.77 22.04
N GLN A 249 5.84 8.83 22.81
CA GLN A 249 4.63 9.12 23.52
C GLN A 249 4.89 10.23 24.54
N ARG A 250 6.04 10.18 25.19
CA ARG A 250 6.35 11.22 26.19
C ARG A 250 6.56 12.56 25.54
N ILE A 251 7.21 12.58 24.38
CA ILE A 251 7.32 13.82 23.60
C ILE A 251 5.96 14.38 23.21
N LYS A 252 5.06 13.53 22.72
CA LYS A 252 3.71 13.98 22.41
C LYS A 252 3.00 14.53 23.64
N LYS A 253 3.24 13.94 24.81
CA LYS A 253 2.53 14.38 26.02
C LYS A 253 3.08 15.69 26.61
N THR A 254 4.41 15.84 26.60
CA THR A 254 5.07 16.89 27.35
C THR A 254 5.64 18.02 26.48
N GLU A 255 5.85 17.76 25.20
CA GLU A 255 6.39 18.79 24.29
C GLU A 255 5.32 19.24 23.30
N THR A 256 4.33 19.95 23.80
CA THR A 256 3.12 20.16 23.02
C THR A 256 3.29 21.14 21.84
N GLU A 257 4.33 21.97 21.91
CA GLU A 257 4.66 22.87 20.82
C GLU A 257 5.48 22.21 19.70
N THR A 258 5.89 20.96 19.90
CA THR A 258 6.65 20.24 18.88
C THR A 258 5.69 19.55 17.94
N SER A 259 5.82 19.81 16.63
CA SER A 259 4.94 19.18 15.64
CA SER A 259 4.91 19.18 15.67
C SER A 259 5.42 17.80 15.27
N LEU A 260 4.48 16.93 15.00
N LEU A 260 4.50 16.86 15.13
CA LEU A 260 4.78 15.54 14.71
CA LEU A 260 4.85 15.52 14.64
C LEU A 260 4.21 15.23 13.32
C LEU A 260 4.27 15.36 13.27
N HIS A 261 5.08 14.81 12.39
CA HIS A 261 4.71 14.59 11.01
C HIS A 261 3.50 13.63 10.93
N PRO A 262 2.51 13.94 10.07
CA PRO A 262 1.26 13.14 10.02
C PRO A 262 1.50 11.66 9.70
N LEU A 263 2.49 11.33 8.88
CA LEU A 263 2.78 9.92 8.58
C LEU A 263 3.28 9.17 9.79
N LEU A 264 4.16 9.77 10.57
CA LEU A 264 4.60 9.14 11.78
C LEU A 264 3.46 9.02 12.80
N GLN A 265 2.59 10.02 12.88
CA GLN A 265 1.40 9.89 13.72
C GLN A 265 0.60 8.61 13.38
N GLU A 266 0.41 8.36 12.08
CA GLU A 266 -0.31 7.16 11.64
C GLU A 266 0.44 5.90 12.05
N ILE A 267 1.77 5.95 12.04
CA ILE A 267 2.57 4.80 12.44
C ILE A 267 2.42 4.52 13.94
N TYR A 268 2.42 5.57 14.78
CA TYR A 268 2.36 5.37 16.23
C TYR A 268 0.93 5.18 16.77
N LYS A 269 -0.07 5.51 15.95
CA LYS A 269 -1.47 5.43 16.34
C LYS A 269 -1.82 4.14 17.07
N ASP A 270 -1.45 3.00 16.48
CA ASP A 270 -1.80 1.70 17.05
C ASP A 270 -0.58 0.90 17.49
N MET A 271 0.40 1.58 18.07
CA MET A 271 1.60 0.89 18.57
C MET A 271 1.56 0.80 20.09
N ALA B 4 -1.91 21.21 -16.58
CA ALA B 4 -2.24 19.81 -16.80
C ALA B 4 -2.99 19.58 -18.12
N ASP B 5 -2.42 18.78 -19.01
CA ASP B 5 -3.02 18.48 -20.31
C ASP B 5 -4.10 17.41 -20.16
N LEU B 6 -5.36 17.82 -20.14
CA LEU B 6 -6.45 16.91 -19.79
C LEU B 6 -6.71 15.83 -20.84
N LYS B 7 -6.42 16.11 -22.10
CA LYS B 7 -6.60 15.12 -23.16
C LYS B 7 -5.63 13.96 -22.97
N ALA B 8 -4.39 14.30 -22.66
CA ALA B 8 -3.36 13.30 -22.38
C ALA B 8 -3.68 12.51 -21.14
N PHE B 9 -4.03 13.22 -20.09
CA PHE B 9 -4.52 12.62 -18.85
C PHE B 9 -5.63 11.60 -19.12
N SER B 10 -6.66 12.01 -19.85
CA SER B 10 -7.78 11.11 -20.11
C SER B 10 -7.30 9.86 -20.79
N LYS B 11 -6.40 10.05 -21.76
CA LYS B 11 -5.95 8.94 -22.60
C LYS B 11 -5.12 7.94 -21.80
N HIS B 12 -4.30 8.45 -20.88
CA HIS B 12 -3.54 7.59 -19.98
C HIS B 12 -4.46 6.78 -19.09
N ILE B 13 -5.50 7.42 -18.58
CA ILE B 13 -6.45 6.73 -17.71
C ILE B 13 -7.21 5.66 -18.51
N TYR B 14 -7.58 6.00 -19.73
CA TYR B 14 -8.25 5.04 -20.59
C TYR B 14 -7.37 3.81 -20.89
N ASN B 15 -6.10 4.05 -21.20
CA ASN B 15 -5.15 2.95 -21.44
C ASN B 15 -4.98 2.06 -20.23
N ALA B 16 -4.87 2.67 -19.05
CA ALA B 16 -4.75 1.92 -17.79
C ALA B 16 -5.97 1.02 -17.51
N TYR B 17 -7.12 1.52 -17.89
CA TYR B 17 -8.36 0.75 -17.77
C TYR B 17 -8.36 -0.45 -18.72
N LEU B 18 -7.97 -0.22 -19.98
CA LEU B 18 -7.92 -1.31 -20.94
C LEU B 18 -6.86 -2.34 -20.55
N LYS B 19 -5.77 -1.88 -19.94
CA LYS B 19 -4.68 -2.77 -19.54
C LYS B 19 -5.08 -3.64 -18.34
N ASN B 20 -5.92 -3.13 -17.44
CA ASN B 20 -6.16 -3.80 -16.17
C ASN B 20 -7.51 -4.49 -15.99
N PHE B 21 -8.48 -4.22 -16.87
CA PHE B 21 -9.76 -4.92 -16.75
C PHE B 21 -9.93 -5.85 -17.97
N ASN B 22 -10.15 -7.13 -17.72
CA ASN B 22 -10.24 -8.09 -18.82
C ASN B 22 -11.49 -7.83 -19.65
N MET B 23 -12.61 -7.70 -18.97
CA MET B 23 -13.90 -7.52 -19.62
C MET B 23 -14.19 -6.03 -19.72
N THR B 24 -14.35 -5.54 -20.94
CA THR B 24 -14.70 -4.13 -21.16
C THR B 24 -16.17 -4.07 -21.52
N LYS B 25 -16.78 -2.90 -21.38
CA LYS B 25 -18.18 -2.77 -21.75
C LYS B 25 -18.38 -3.02 -23.24
N LYS B 26 -17.39 -2.64 -24.06
CA LYS B 26 -17.47 -2.94 -25.48
C LYS B 26 -17.56 -4.45 -25.72
N LYS B 27 -16.68 -5.22 -25.09
CA LYS B 27 -16.73 -6.70 -25.25
C LYS B 27 -18.04 -7.26 -24.70
N ALA B 28 -18.43 -6.78 -23.52
CA ALA B 28 -19.65 -7.26 -22.86
C ALA B 28 -20.88 -7.01 -23.72
N ARG B 29 -21.00 -5.84 -24.31
CA ARG B 29 -22.19 -5.51 -25.08
C ARG B 29 -22.32 -6.37 -26.35
N SER B 30 -21.20 -6.66 -27.01
CA SER B 30 -21.26 -7.46 -28.22
C SER B 30 -21.71 -8.90 -27.91
N ILE B 31 -21.47 -9.36 -26.69
CA ILE B 31 -21.92 -10.69 -26.25
C ILE B 31 -23.41 -10.63 -25.95
N LEU B 32 -23.81 -9.68 -25.12
CA LEU B 32 -25.22 -9.56 -24.73
C LEU B 32 -26.13 -9.18 -25.88
N THR B 33 -25.57 -8.86 -27.04
CA THR B 33 -26.37 -8.58 -28.24
C THR B 33 -26.02 -9.47 -29.44
N GLY B 34 -25.06 -10.37 -29.28
CA GLY B 34 -24.64 -11.22 -30.38
C GLY B 34 -23.81 -10.46 -31.39
N ALA B 40 -22.93 -17.83 -28.23
CA ALA B 40 -23.75 -17.21 -27.22
C ALA B 40 -23.46 -17.81 -25.85
N PRO B 41 -23.77 -17.06 -24.79
CA PRO B 41 -23.47 -17.56 -23.45
C PRO B 41 -24.47 -18.62 -22.97
N PHE B 42 -23.98 -19.53 -22.13
CA PHE B 42 -24.81 -20.58 -21.52
C PHE B 42 -25.69 -19.94 -20.47
N VAL B 43 -26.99 -20.19 -20.53
CA VAL B 43 -27.91 -19.52 -19.60
C VAL B 43 -28.13 -20.34 -18.33
N ILE B 44 -27.81 -19.73 -17.20
CA ILE B 44 -28.03 -20.28 -15.88
C ILE B 44 -29.29 -19.67 -15.29
N HIS B 45 -30.32 -20.50 -15.14
CA HIS B 45 -31.59 -19.99 -14.66
C HIS B 45 -32.24 -20.89 -13.61
N ASP B 46 -31.55 -21.96 -13.24
CA ASP B 46 -32.06 -22.86 -12.21
C ASP B 46 -30.96 -23.77 -11.68
N ILE B 47 -31.31 -24.73 -10.83
CA ILE B 47 -30.27 -25.53 -10.19
C ILE B 47 -29.58 -26.42 -11.22
N GLU B 48 -30.35 -27.04 -12.10
CA GLU B 48 -29.77 -27.95 -13.07
C GLU B 48 -28.77 -27.23 -13.98
N THR B 49 -29.12 -26.03 -14.45
CA THR B 49 -28.26 -25.32 -15.38
C THR B 49 -27.06 -24.74 -14.62
N LEU B 50 -27.26 -24.37 -13.37
CA LEU B 50 -26.16 -23.98 -12.50
C LEU B 50 -25.14 -25.12 -12.37
N TRP B 51 -25.64 -26.32 -12.13
CA TRP B 51 -24.79 -27.50 -12.02
C TRP B 51 -24.04 -27.77 -13.31
N GLN B 52 -24.74 -27.69 -14.44
CA GLN B 52 -24.13 -27.89 -15.75
C GLN B 52 -23.04 -26.87 -16.01
N ALA B 53 -23.28 -25.65 -15.53
CA ALA B 53 -22.35 -24.56 -15.78
C ALA B 53 -21.09 -24.75 -14.99
N GLU B 54 -21.22 -25.23 -13.75
CA GLU B 54 -20.06 -25.49 -12.94
C GLU B 54 -19.25 -26.61 -13.56
N LYS B 55 -19.92 -27.55 -14.22
CA LYS B 55 -19.22 -28.67 -14.84
C LYS B 55 -18.55 -28.30 -16.16
N GLY B 56 -19.15 -27.36 -16.90
CA GLY B 56 -18.82 -27.14 -18.29
C GLY B 56 -18.31 -25.77 -18.70
N LEU B 57 -18.47 -24.75 -17.86
CA LEU B 57 -17.85 -23.43 -18.12
C LEU B 57 -16.49 -23.37 -17.44
N VAL B 58 -15.61 -22.50 -17.94
CA VAL B 58 -14.31 -22.25 -17.32
C VAL B 58 -14.39 -21.08 -16.36
N TRP B 59 -13.98 -21.32 -15.12
CA TRP B 59 -14.07 -20.32 -14.06
C TRP B 59 -12.68 -19.86 -13.66
N LYS B 60 -12.55 -18.55 -13.43
CA LYS B 60 -11.30 -17.98 -12.92
C LYS B 60 -10.93 -18.69 -11.63
N GLN B 61 -11.93 -18.83 -10.77
CA GLN B 61 -11.76 -19.49 -9.48
C GLN B 61 -12.31 -20.92 -9.55
N LEU B 62 -11.44 -21.89 -9.32
CA LEU B 62 -11.82 -23.29 -9.41
C LEU B 62 -12.75 -23.68 -8.26
N VAL B 63 -13.75 -24.51 -8.55
CA VAL B 63 -14.80 -24.80 -7.59
C VAL B 63 -14.28 -25.47 -6.33
N ASN B 64 -13.27 -26.33 -6.46
CA ASN B 64 -12.69 -26.99 -5.29
C ASN B 64 -12.13 -25.94 -4.32
N GLY B 65 -11.80 -24.78 -4.88
CA GLY B 65 -11.24 -23.68 -4.12
C GLY B 65 -12.23 -23.02 -3.17
N LEU B 66 -13.48 -22.92 -3.59
CA LEU B 66 -14.54 -22.42 -2.72
C LEU B 66 -14.78 -23.38 -1.55
N PRO B 67 -15.49 -22.91 -0.51
CA PRO B 67 -15.94 -23.78 0.59
C PRO B 67 -17.00 -24.82 0.17
N PRO B 68 -17.27 -25.79 1.04
CA PRO B 68 -18.16 -26.93 0.76
C PRO B 68 -19.62 -26.60 0.44
N TYR B 69 -20.12 -27.01 -0.73
CA TYR B 69 -21.50 -26.67 -1.10
C TYR B 69 -22.52 -27.04 -0.04
N LYS B 70 -23.07 -26.03 0.63
CA LYS B 70 -24.13 -26.25 1.62
C LYS B 70 -25.46 -26.03 0.95
N GLU B 71 -25.58 -24.94 0.22
CA GLU B 71 -26.81 -24.72 -0.48
C GLU B 71 -26.58 -23.81 -1.64
N ILE B 72 -27.54 -23.77 -2.55
CA ILE B 72 -27.36 -23.00 -3.75
C ILE B 72 -27.20 -21.51 -3.46
N SER B 73 -27.96 -20.99 -2.51
CA SER B 73 -27.90 -19.55 -2.23
C SER B 73 -26.53 -19.14 -1.73
N VAL B 74 -25.91 -19.97 -0.92
CA VAL B 74 -24.59 -19.64 -0.36
C VAL B 74 -23.51 -19.86 -1.41
N HIS B 75 -23.66 -20.88 -2.24
CA HIS B 75 -22.76 -21.07 -3.37
C HIS B 75 -22.78 -19.88 -4.29
N VAL B 76 -23.96 -19.35 -4.61
CA VAL B 76 -24.01 -18.16 -5.44
C VAL B 76 -23.28 -17.02 -4.73
N PHE B 77 -23.50 -16.90 -3.43
CA PHE B 77 -22.88 -15.82 -2.67
C PHE B 77 -21.36 -15.94 -2.79
N TYR B 78 -20.83 -17.15 -2.68
CA TYR B 78 -19.37 -17.38 -2.78
C TYR B 78 -18.81 -17.01 -4.15
N ARG B 79 -19.54 -17.33 -5.21
CA ARG B 79 -19.15 -16.89 -6.55
C ARG B 79 -19.15 -15.38 -6.67
N CYS B 80 -20.13 -14.74 -6.06
CA CYS B 80 -20.15 -13.27 -6.06
C CYS B 80 -18.92 -12.73 -5.32
N GLN B 81 -18.56 -13.38 -4.22
CA GLN B 81 -17.41 -12.95 -3.44
C GLN B 81 -16.13 -13.10 -4.23
N CYS B 82 -16.02 -14.23 -4.93
CA CYS B 82 -14.87 -14.47 -5.80
C CYS B 82 -14.66 -13.33 -6.75
N THR B 83 -15.73 -12.93 -7.42
CA THR B 83 -15.63 -11.94 -8.45
C THR B 83 -15.35 -10.56 -7.86
N THR B 84 -15.95 -10.29 -6.72
N THR B 84 -15.93 -10.21 -6.71
CA THR B 84 -15.73 -9.05 -5.96
CA THR B 84 -15.63 -8.89 -6.14
C THR B 84 -14.23 -8.85 -5.66
C THR B 84 -14.15 -8.83 -5.73
N VAL B 85 -13.63 -9.89 -5.09
CA VAL B 85 -12.22 -9.87 -4.72
C VAL B 85 -11.31 -9.76 -5.96
N GLU B 86 -11.65 -10.48 -7.02
CA GLU B 86 -10.88 -10.39 -8.26
C GLU B 86 -10.97 -8.94 -8.82
N THR B 87 -12.14 -8.32 -8.72
CA THR B 87 -12.25 -6.95 -9.21
C THR B 87 -11.50 -5.97 -8.33
N VAL B 88 -11.41 -6.22 -7.02
CA VAL B 88 -10.57 -5.38 -6.17
C VAL B 88 -9.12 -5.46 -6.61
N ARG B 89 -8.68 -6.65 -7.02
CA ARG B 89 -7.34 -6.81 -7.51
C ARG B 89 -7.14 -5.96 -8.77
N GLU B 90 -8.10 -5.99 -9.69
CA GLU B 90 -7.98 -5.18 -10.92
C GLU B 90 -8.02 -3.68 -10.64
N LEU B 91 -8.89 -3.26 -9.73
CA LEU B 91 -8.97 -1.86 -9.37
C LEU B 91 -7.71 -1.35 -8.71
N THR B 92 -7.04 -2.19 -7.95
CA THR B 92 -5.79 -1.81 -7.28
C THR B 92 -4.74 -1.56 -8.35
N GLU B 93 -4.70 -2.43 -9.35
CA GLU B 93 -3.65 -2.31 -10.37
C GLU B 93 -3.99 -1.13 -11.28
N PHE B 94 -5.27 -0.91 -11.53
CA PHE B 94 -5.69 0.27 -12.29
C PHE B 94 -5.32 1.57 -11.56
N ALA B 95 -5.64 1.65 -10.28
CA ALA B 95 -5.33 2.83 -9.51
C ALA B 95 -3.82 3.08 -9.49
N LYS B 96 -3.04 2.04 -9.29
CA LYS B 96 -1.59 2.20 -9.26
C LYS B 96 -1.02 2.63 -10.62
N SER B 97 -1.75 2.34 -11.70
CA SER B 97 -1.36 2.77 -13.04
C SER B 97 -1.63 4.25 -13.26
N ILE B 98 -2.19 4.90 -12.26
CA ILE B 98 -2.35 6.35 -12.29
C ILE B 98 -1.25 7.01 -11.45
N PRO B 99 -0.29 7.71 -12.10
CA PRO B 99 0.89 8.21 -11.37
C PRO B 99 0.58 9.03 -10.13
N SER B 100 -0.43 9.90 -10.17
CA SER B 100 -0.74 10.69 -9.00
C SER B 100 -1.31 9.82 -7.84
N PHE B 101 -1.96 8.69 -8.16
CA PHE B 101 -2.39 7.78 -7.09
C PHE B 101 -1.14 7.12 -6.47
N SER B 102 -0.24 6.65 -7.31
CA SER B 102 0.95 5.93 -6.84
C SER B 102 1.92 6.79 -6.05
N SER B 103 1.85 8.11 -6.18
CA SER B 103 2.73 8.96 -5.39
C SER B 103 2.12 9.33 -4.05
N LEU B 104 0.90 8.87 -3.78
CA LEU B 104 0.34 8.97 -2.43
C LEU B 104 1.05 7.96 -1.55
N PHE B 105 1.18 8.28 -0.25
CA PHE B 105 1.74 7.32 0.67
C PHE B 105 0.82 6.10 0.65
N LEU B 106 1.42 4.95 0.82
CA LEU B 106 0.69 3.72 0.66
C LEU B 106 -0.53 3.58 1.57
N ASN B 107 -0.47 4.15 2.77
CA ASN B 107 -1.64 4.14 3.65
C ASN B 107 -2.84 4.91 3.10
N ASP B 108 -2.62 6.04 2.45
CA ASP B 108 -3.73 6.70 1.79
C ASP B 108 -4.22 5.90 0.59
N GLN B 109 -3.34 5.25 -0.13
CA GLN B 109 -3.80 4.36 -1.19
C GLN B 109 -4.78 3.32 -0.64
N VAL B 110 -4.46 2.72 0.51
CA VAL B 110 -5.34 1.69 1.07
C VAL B 110 -6.66 2.31 1.51
N THR B 111 -6.60 3.48 2.13
CA THR B 111 -7.83 4.14 2.53
C THR B 111 -8.74 4.43 1.35
N LEU B 112 -8.19 4.88 0.22
CA LEU B 112 -9.03 5.19 -0.94
C LEU B 112 -9.62 3.92 -1.51
N LEU B 113 -8.83 2.87 -1.55
CA LEU B 113 -9.36 1.62 -2.09
C LEU B 113 -10.37 1.00 -1.15
N LYS B 114 -10.09 1.00 0.15
CA LYS B 114 -11.04 0.49 1.14
C LYS B 114 -12.44 1.05 0.96
N TYR B 115 -12.54 2.37 0.81
CA TYR B 115 -13.84 3.03 0.83
C TYR B 115 -14.40 3.26 -0.55
N GLY B 116 -13.60 2.99 -1.57
CA GLY B 116 -13.98 3.26 -2.94
C GLY B 116 -14.28 2.05 -3.82
N VAL B 117 -13.76 0.87 -3.50
CA VAL B 117 -13.80 -0.25 -4.46
C VAL B 117 -15.22 -0.71 -4.68
N HIS B 118 -16.04 -0.75 -3.65
CA HIS B 118 -17.40 -1.20 -3.90
C HIS B 118 -18.19 -0.24 -4.74
N GLU B 119 -18.02 1.07 -4.56
CA GLU B 119 -18.67 2.01 -5.42
C GLU B 119 -18.25 1.76 -6.87
N ALA B 120 -16.98 1.52 -7.06
CA ALA B 120 -16.45 1.33 -8.40
C ALA B 120 -16.97 0.00 -8.96
N ILE B 121 -17.01 -1.03 -8.14
CA ILE B 121 -17.50 -2.33 -8.59
C ILE B 121 -18.97 -2.24 -9.07
N PHE B 122 -19.83 -1.60 -8.28
CA PHE B 122 -21.24 -1.54 -8.67
C PHE B 122 -21.45 -0.65 -9.86
N ALA B 123 -20.57 0.30 -10.12
CA ALA B 123 -20.69 1.09 -11.34
C ALA B 123 -20.25 0.28 -12.58
N MET B 124 -19.15 -0.47 -12.47
N MET B 124 -19.17 -0.50 -12.44
CA MET B 124 -18.67 -1.25 -13.62
CA MET B 124 -18.64 -1.29 -13.56
C MET B 124 -19.63 -2.41 -13.88
C MET B 124 -19.48 -2.52 -13.84
N LEU B 125 -20.21 -2.93 -12.81
CA LEU B 125 -21.16 -4.03 -12.91
C LEU B 125 -22.18 -3.78 -14.02
N ALA B 126 -22.58 -2.52 -14.18
CA ALA B 126 -23.59 -2.19 -15.18
C ALA B 126 -23.16 -2.63 -16.57
N SER B 127 -21.84 -2.67 -16.79
CA SER B 127 -21.31 -3.01 -18.11
C SER B 127 -21.69 -4.43 -18.52
N ILE B 128 -21.87 -5.31 -17.56
CA ILE B 128 -22.14 -6.72 -17.89
C ILE B 128 -23.57 -7.13 -17.59
N VAL B 129 -24.42 -6.13 -17.34
CA VAL B 129 -25.80 -6.33 -16.95
C VAL B 129 -26.77 -5.91 -18.04
N ASN B 130 -27.88 -6.63 -18.18
CA ASN B 130 -29.05 -6.03 -18.79
C ASN B 130 -30.25 -6.30 -17.87
N LYS B 131 -31.45 -5.94 -18.31
CA LYS B 131 -32.61 -6.02 -17.42
C LYS B 131 -32.94 -7.46 -17.12
N ASP B 132 -32.42 -8.39 -17.95
CA ASP B 132 -32.70 -9.81 -17.79
C ASP B 132 -31.66 -10.64 -17.04
N GLY B 133 -30.46 -10.11 -16.84
CA GLY B 133 -29.44 -10.86 -16.11
C GLY B 133 -28.05 -10.31 -16.30
N LEU B 134 -27.05 -11.12 -16.01
CA LEU B 134 -25.67 -10.66 -16.16
C LEU B 134 -24.74 -11.72 -16.62
N LEU B 135 -23.65 -11.27 -17.23
CA LEU B 135 -22.60 -12.18 -17.69
C LEU B 135 -21.75 -12.66 -16.54
N VAL B 136 -21.42 -13.94 -16.59
CA VAL B 136 -20.48 -14.55 -15.66
C VAL B 136 -19.42 -15.38 -16.41
N ALA B 137 -18.41 -15.82 -15.66
CA ALA B 137 -17.37 -16.72 -16.18
C ALA B 137 -16.74 -16.16 -17.44
N ASN B 138 -16.34 -14.89 -17.35
CA ASN B 138 -15.69 -14.18 -18.43
C ASN B 138 -16.52 -14.13 -19.70
N GLY B 139 -17.84 -14.00 -19.56
CA GLY B 139 -18.71 -13.90 -20.71
C GLY B 139 -19.24 -15.21 -21.27
N SER B 140 -18.78 -16.33 -20.74
CA SER B 140 -19.23 -17.63 -21.26
C SER B 140 -20.55 -18.10 -20.64
N GLY B 141 -21.02 -17.42 -19.61
CA GLY B 141 -22.32 -17.72 -19.03
C GLY B 141 -23.14 -16.46 -18.85
N PHE B 142 -24.45 -16.63 -18.72
CA PHE B 142 -25.37 -15.55 -18.41
C PHE B 142 -26.36 -16.03 -17.34
N VAL B 143 -26.37 -15.37 -16.20
CA VAL B 143 -27.25 -15.75 -15.10
C VAL B 143 -28.46 -14.85 -15.08
N THR B 144 -29.65 -15.42 -15.00
CA THR B 144 -30.86 -14.61 -15.13
C THR B 144 -31.18 -13.91 -13.81
N ARG B 145 -31.65 -12.68 -13.97
CA ARG B 145 -32.04 -11.87 -12.84
C ARG B 145 -33.16 -12.58 -12.05
N GLU B 146 -34.01 -13.29 -12.77
CA GLU B 146 -35.10 -14.04 -12.16
C GLU B 146 -34.60 -15.16 -11.25
N PHE B 147 -33.60 -15.89 -11.71
CA PHE B 147 -32.99 -16.92 -10.87
C PHE B 147 -32.38 -16.28 -9.60
N LEU B 148 -31.67 -15.17 -9.74
CA LEU B 148 -31.07 -14.56 -8.56
C LEU B 148 -32.12 -14.03 -7.57
N ARG B 149 -33.25 -13.56 -8.11
CA ARG B 149 -34.38 -13.16 -7.27
C ARG B 149 -34.92 -14.33 -6.45
N SER B 150 -34.70 -15.54 -6.95
CA SER B 150 -35.32 -16.72 -6.38
C SER B 150 -34.51 -17.29 -5.21
N LEU B 151 -33.33 -16.75 -4.97
CA LEU B 151 -32.49 -17.23 -3.88
C LEU B 151 -33.14 -16.85 -2.57
N ARG B 152 -32.80 -17.54 -1.50
CA ARG B 152 -33.51 -17.31 -0.26
C ARG B 152 -32.99 -16.03 0.35
N LYS B 153 -33.84 -15.35 1.10
CA LYS B 153 -33.39 -14.15 1.78
C LYS B 153 -32.32 -14.62 2.77
N PRO B 154 -31.30 -13.80 3.02
CA PRO B 154 -30.98 -12.43 2.61
C PRO B 154 -30.18 -12.31 1.30
N PHE B 155 -29.94 -13.43 0.63
CA PHE B 155 -29.07 -13.41 -0.52
C PHE B 155 -29.75 -12.81 -1.74
N SER B 156 -31.05 -13.02 -1.90
CA SER B 156 -31.74 -12.36 -2.99
C SER B 156 -31.74 -10.85 -2.78
N ASP B 157 -31.87 -10.44 -1.52
CA ASP B 157 -32.04 -9.02 -1.21
C ASP B 157 -30.79 -8.22 -1.49
N ILE B 158 -29.63 -8.86 -1.42
CA ILE B 158 -28.36 -8.13 -1.62
C ILE B 158 -28.07 -7.92 -3.11
N ILE B 159 -28.73 -8.70 -3.96
CA ILE B 159 -28.49 -8.64 -5.39
C ILE B 159 -29.39 -7.64 -6.15
N GLU B 160 -30.68 -7.66 -5.88
CA GLU B 160 -31.61 -6.93 -6.74
C GLU B 160 -31.35 -5.41 -6.83
N PRO B 161 -31.00 -4.73 -5.70
CA PRO B 161 -30.72 -3.29 -5.79
C PRO B 161 -29.64 -2.90 -6.78
N LYS B 162 -28.69 -3.80 -7.02
CA LYS B 162 -27.62 -3.53 -7.96
C LYS B 162 -28.13 -3.52 -9.38
N PHE B 163 -29.03 -4.44 -9.69
CA PHE B 163 -29.72 -4.42 -10.95
C PHE B 163 -30.47 -3.14 -11.17
N GLU B 164 -31.19 -2.68 -10.15
CA GLU B 164 -31.98 -1.46 -10.29
C GLU B 164 -31.08 -0.28 -10.66
N PHE B 165 -29.94 -0.18 -9.99
CA PHE B 165 -29.00 0.90 -10.25
C PHE B 165 -28.45 0.78 -11.65
N ALA B 166 -28.07 -0.46 -12.01
CA ALA B 166 -27.40 -0.73 -13.26
C ALA B 166 -28.23 -0.36 -14.48
N VAL B 167 -29.51 -0.70 -14.48
CA VAL B 167 -30.35 -0.44 -15.65
C VAL B 167 -30.50 1.08 -15.85
N LYS B 168 -30.65 1.82 -14.76
CA LYS B 168 -30.70 3.27 -14.87
C LYS B 168 -29.35 3.84 -15.35
N PHE B 169 -28.26 3.31 -14.85
CA PHE B 169 -26.95 3.81 -15.21
C PHE B 169 -26.67 3.53 -16.70
N ASN B 170 -27.10 2.38 -17.20
CA ASN B 170 -26.86 2.03 -18.61
C ASN B 170 -27.62 2.91 -19.56
N ALA B 171 -28.71 3.48 -19.08
CA ALA B 171 -29.46 4.42 -19.91
C ALA B 171 -28.65 5.69 -20.25
N LEU B 172 -27.54 5.95 -19.55
CA LEU B 172 -26.72 7.12 -19.87
C LEU B 172 -25.78 6.83 -21.03
N GLU B 173 -25.65 5.55 -21.38
CA GLU B 173 -24.90 5.11 -22.55
C GLU B 173 -23.43 5.55 -22.53
N LEU B 174 -22.76 5.35 -21.42
CA LEU B 174 -21.31 5.58 -21.32
C LEU B 174 -20.57 4.50 -22.08
N ASP B 175 -19.40 4.84 -22.64
CA ASP B 175 -18.52 3.84 -23.21
C ASP B 175 -17.32 3.68 -22.29
N ASP B 176 -16.39 2.83 -22.65
CA ASP B 176 -15.28 2.50 -21.77
C ASP B 176 -14.38 3.72 -21.46
N SER B 177 -14.21 4.61 -22.44
CA SER B 177 -13.40 5.82 -22.26
C SER B 177 -14.03 6.73 -21.21
N ASP B 178 -15.35 6.78 -21.15
CA ASP B 178 -16.06 7.55 -20.11
C ASP B 178 -15.92 6.90 -18.77
N LEU B 179 -16.10 5.58 -18.72
CA LEU B 179 -16.06 4.85 -17.48
C LEU B 179 -14.69 4.90 -16.82
N ALA B 180 -13.64 4.93 -17.64
CA ALA B 180 -12.28 4.92 -17.11
C ALA B 180 -12.14 6.16 -16.21
N LEU B 181 -12.68 7.28 -16.67
CA LEU B 181 -12.53 8.52 -15.92
C LEU B 181 -13.46 8.53 -14.71
N PHE B 182 -14.66 7.99 -14.90
CA PHE B 182 -15.66 7.98 -13.85
C PHE B 182 -15.17 7.11 -12.69
N ILE B 183 -14.63 5.95 -13.00
CA ILE B 183 -14.07 5.08 -11.96
C ILE B 183 -12.84 5.69 -11.23
N ALA B 184 -11.96 6.35 -11.97
CA ALA B 184 -10.83 7.07 -11.34
C ALA B 184 -11.32 8.11 -10.33
N ALA B 185 -12.42 8.80 -10.67
CA ALA B 185 -13.03 9.78 -9.80
C ALA B 185 -13.66 9.20 -8.56
N ILE B 186 -14.25 8.02 -8.67
CA ILE B 186 -14.71 7.34 -7.47
C ILE B 186 -13.57 6.96 -6.51
N ILE B 187 -12.46 6.47 -7.06
CA ILE B 187 -11.37 6.01 -6.22
C ILE B 187 -10.67 7.23 -5.63
N LEU B 188 -10.42 8.25 -6.44
CA LEU B 188 -9.69 9.44 -5.96
C LEU B 188 -10.63 10.46 -5.37
N CYS B 189 -11.08 10.16 -4.17
CA CYS B 189 -12.15 10.88 -3.51
C CYS B 189 -11.69 11.36 -2.18
N GLY B 190 -11.70 12.68 -2.00
CA GLY B 190 -11.15 13.29 -0.83
C GLY B 190 -11.99 13.21 0.42
N ASP B 191 -13.18 12.62 0.31
CA ASP B 191 -14.12 12.52 1.43
C ASP B 191 -13.93 11.29 2.31
N ARG B 192 -13.05 10.37 1.92
CA ARG B 192 -12.99 9.10 2.64
C ARG B 192 -12.48 9.29 4.07
N PRO B 193 -13.05 8.55 5.04
CA PRO B 193 -12.62 8.71 6.42
C PRO B 193 -11.17 8.30 6.63
N GLY B 194 -10.45 9.11 7.38
CA GLY B 194 -9.13 8.74 7.88
C GLY B 194 -8.04 9.04 6.89
N LEU B 195 -8.39 9.80 5.87
CA LEU B 195 -7.40 10.16 4.87
C LEU B 195 -6.38 11.05 5.49
N MET B 196 -5.13 10.84 5.13
CA MET B 196 -4.05 11.62 5.68
C MET B 196 -3.89 12.93 4.91
N ASN B 197 -3.67 12.85 3.61
CA ASN B 197 -3.39 14.05 2.82
C ASN B 197 -4.65 14.42 2.01
N VAL B 198 -5.62 15.02 2.69
CA VAL B 198 -6.90 15.32 2.06
C VAL B 198 -6.73 16.34 0.92
N PRO B 199 -5.95 17.40 1.14
CA PRO B 199 -5.83 18.38 0.05
C PRO B 199 -5.23 17.81 -1.22
N ARG B 200 -4.24 16.93 -1.10
CA ARG B 200 -3.64 16.31 -2.28
C ARG B 200 -4.65 15.45 -3.04
N VAL B 201 -5.43 14.64 -2.31
CA VAL B 201 -6.43 13.79 -2.94
C VAL B 201 -7.57 14.65 -3.56
N GLU B 202 -8.00 15.69 -2.86
CA GLU B 202 -9.01 16.60 -3.38
C GLU B 202 -8.52 17.23 -4.69
N ALA B 203 -7.24 17.55 -4.76
CA ALA B 203 -6.71 18.16 -5.97
C ALA B 203 -6.66 17.19 -7.13
N ILE B 204 -6.31 15.93 -6.86
CA ILE B 204 -6.27 14.95 -7.92
C ILE B 204 -7.70 14.69 -8.42
N GLN B 205 -8.65 14.62 -7.48
CA GLN B 205 -10.03 14.39 -7.83
C GLN B 205 -10.54 15.50 -8.71
N ASP B 206 -10.22 16.71 -8.34
CA ASP B 206 -10.67 17.85 -9.14
C ASP B 206 -10.16 17.76 -10.59
N THR B 207 -8.91 17.37 -10.77
CA THR B 207 -8.37 17.23 -12.14
C THR B 207 -9.08 16.12 -12.89
N ILE B 208 -9.40 15.02 -12.22
CA ILE B 208 -10.10 13.92 -12.90
C ILE B 208 -11.50 14.38 -13.34
N LEU B 209 -12.20 15.08 -12.46
CA LEU B 209 -13.52 15.61 -12.82
C LEU B 209 -13.47 16.63 -13.97
N ARG B 210 -12.49 17.54 -13.97
CA ARG B 210 -12.31 18.41 -15.12
C ARG B 210 -12.06 17.62 -16.40
N ALA B 211 -11.24 16.58 -16.28
CA ALA B 211 -10.94 15.73 -17.41
C ALA B 211 -12.23 15.06 -17.92
N LEU B 212 -13.05 14.59 -16.99
CA LEU B 212 -14.29 13.95 -17.36
C LEU B 212 -15.22 14.90 -18.09
N GLU B 213 -15.41 16.10 -17.59
CA GLU B 213 -16.29 17.02 -18.32
C GLU B 213 -15.76 17.32 -19.71
N PHE B 214 -14.46 17.59 -19.82
CA PHE B 214 -13.84 17.89 -21.11
C PHE B 214 -14.05 16.70 -22.07
N HIS B 215 -13.95 15.49 -21.53
CA HIS B 215 -14.07 14.29 -22.35
C HIS B 215 -15.51 14.08 -22.83
N LEU B 216 -16.46 14.26 -21.92
CA LEU B 216 -17.86 14.12 -22.29
C LEU B 216 -18.26 15.19 -23.28
N GLN B 217 -17.65 16.37 -23.20
CA GLN B 217 -17.99 17.39 -24.17
C GLN B 217 -17.65 16.90 -25.57
N ALA B 218 -16.52 16.21 -25.70
CA ALA B 218 -16.04 15.74 -26.99
C ALA B 218 -16.76 14.45 -27.41
N ASN B 219 -16.93 13.55 -26.46
CA ASN B 219 -17.44 12.22 -26.77
C ASN B 219 -18.96 12.15 -26.84
N HIS B 220 -19.65 13.02 -26.10
CA HIS B 220 -21.12 13.05 -26.10
C HIS B 220 -21.65 14.47 -26.36
N PRO B 221 -21.39 15.02 -27.54
CA PRO B 221 -21.68 16.44 -27.79
C PRO B 221 -23.16 16.81 -27.65
N ASP B 222 -24.05 15.87 -27.95
CA ASP B 222 -25.48 16.13 -27.96
C ASP B 222 -26.17 15.76 -26.65
N ALA B 223 -25.42 15.35 -25.63
CA ALA B 223 -26.06 14.88 -24.41
C ALA B 223 -26.27 16.00 -23.42
N GLN B 224 -27.53 16.27 -23.11
CA GLN B 224 -27.90 17.31 -22.16
C GLN B 224 -27.73 16.86 -20.71
N TYR B 225 -26.87 17.57 -20.01
CA TYR B 225 -26.68 17.45 -18.56
C TYR B 225 -25.96 16.19 -18.11
N LEU B 226 -25.21 15.54 -19.01
CA LEU B 226 -24.56 14.29 -18.67
C LEU B 226 -23.56 14.44 -17.53
N PHE B 227 -22.82 15.55 -17.47
CA PHE B 227 -21.82 15.65 -16.41
C PHE B 227 -22.50 15.75 -15.04
N PRO B 228 -23.43 16.70 -14.84
CA PRO B 228 -24.12 16.70 -13.53
C PRO B 228 -24.89 15.40 -13.22
N LYS B 229 -25.52 14.78 -14.21
CA LYS B 229 -26.07 13.44 -14.02
C LYS B 229 -25.09 12.45 -13.42
N LEU B 230 -23.84 12.43 -13.92
CA LEU B 230 -22.84 11.52 -13.37
C LEU B 230 -22.37 11.92 -11.99
N LEU B 231 -22.32 13.22 -11.67
CA LEU B 231 -22.01 13.58 -10.29
C LEU B 231 -23.08 13.00 -9.35
N GLN B 232 -24.34 13.10 -9.76
CA GLN B 232 -25.40 12.54 -8.94
C GLN B 232 -25.28 11.01 -8.81
N LYS B 233 -24.83 10.34 -9.87
CA LYS B 233 -24.62 8.88 -9.76
C LYS B 233 -23.53 8.56 -8.76
N MET B 234 -22.52 9.40 -8.66
CA MET B 234 -21.50 9.18 -7.67
C MET B 234 -22.07 9.24 -6.29
N ALA B 235 -22.96 10.21 -6.07
CA ALA B 235 -23.67 10.35 -4.78
C ALA B 235 -24.57 9.13 -4.53
N ASP B 236 -25.30 8.73 -5.56
CA ASP B 236 -26.16 7.56 -5.47
C ASP B 236 -25.39 6.26 -5.10
N LEU B 237 -24.19 6.10 -5.62
CA LEU B 237 -23.36 4.91 -5.37
C LEU B 237 -22.94 4.86 -3.91
N ARG B 238 -22.76 6.02 -3.29
CA ARG B 238 -22.40 6.02 -1.88
C ARG B 238 -23.53 5.44 -1.06
N GLN B 239 -24.78 5.79 -1.43
CA GLN B 239 -25.95 5.32 -0.73
C GLN B 239 -26.14 3.81 -0.99
N LEU B 240 -25.86 3.39 -2.22
CA LEU B 240 -25.95 1.96 -2.58
C LEU B 240 -24.97 1.13 -1.75
N VAL B 241 -23.78 1.64 -1.56
CA VAL B 241 -22.76 0.91 -0.81
C VAL B 241 -23.05 0.93 0.70
N THR B 242 -23.59 2.01 1.24
CA THR B 242 -24.03 2.02 2.64
C THR B 242 -25.04 0.90 2.88
N GLU B 243 -26.00 0.77 1.97
CA GLU B 243 -27.04 -0.20 2.10
C GLU B 243 -26.45 -1.58 1.98
N HIS B 244 -25.49 -1.72 1.08
CA HIS B 244 -24.87 -3.03 0.84
C HIS B 244 -24.12 -3.48 2.08
N ALA B 245 -23.36 -2.56 2.67
CA ALA B 245 -22.60 -2.84 3.89
C ALA B 245 -23.50 -3.25 5.02
N GLN B 246 -24.66 -2.58 5.15
CA GLN B 246 -25.61 -2.94 6.21
C GLN B 246 -26.13 -4.36 6.00
N MET B 247 -26.41 -4.68 4.74
CA MET B 247 -26.82 -6.04 4.41
C MET B 247 -25.73 -7.07 4.69
N MET B 248 -24.48 -6.73 4.42
CA MET B 248 -23.40 -7.68 4.71
C MET B 248 -23.26 -7.90 6.21
N GLN B 249 -23.50 -6.87 7.00
CA GLN B 249 -23.41 -7.02 8.46
C GLN B 249 -24.51 -7.95 8.95
N ARG B 250 -25.67 -7.87 8.34
CA ARG B 250 -26.75 -8.73 8.73
C ARG B 250 -26.42 -10.16 8.37
N ILE B 251 -25.73 -10.36 7.26
CA ILE B 251 -25.35 -11.72 6.85
C ILE B 251 -24.35 -12.29 7.85
N LYS B 252 -23.42 -11.46 8.27
CA LYS B 252 -22.40 -11.87 9.23
C LYS B 252 -23.04 -12.28 10.54
N LYS B 253 -24.10 -11.59 10.94
CA LYS B 253 -24.76 -11.87 12.21
C LYS B 253 -25.70 -13.06 12.16
N THR B 254 -26.40 -13.24 11.04
CA THR B 254 -27.50 -14.21 10.98
C THR B 254 -27.23 -15.40 10.05
N GLU B 255 -26.10 -15.41 9.35
CA GLU B 255 -25.73 -16.55 8.51
C GLU B 255 -24.34 -16.99 8.94
N THR B 256 -24.26 -17.42 10.19
CA THR B 256 -23.00 -17.77 10.82
C THR B 256 -22.23 -18.86 10.09
N GLU B 257 -22.94 -19.68 9.32
CA GLU B 257 -22.34 -20.76 8.53
C GLU B 257 -21.64 -20.29 7.25
N THR B 258 -21.92 -19.07 6.83
CA THR B 258 -21.42 -18.59 5.55
C THR B 258 -20.04 -17.95 5.75
N SER B 259 -19.05 -18.34 4.93
CA SER B 259 -17.71 -17.77 5.01
C SER B 259 -17.61 -16.42 4.34
N LEU B 260 -16.89 -15.50 4.98
N LEU B 260 -17.00 -15.43 5.01
CA LEU B 260 -16.72 -14.15 4.47
CA LEU B 260 -16.73 -14.15 4.34
C LEU B 260 -15.23 -13.94 4.19
C LEU B 260 -15.23 -14.03 4.15
N HIS B 261 -14.87 -13.68 2.92
CA HIS B 261 -13.47 -13.54 2.54
C HIS B 261 -12.72 -12.52 3.43
N PRO B 262 -11.50 -12.86 3.87
CA PRO B 262 -10.83 -11.98 4.83
C PRO B 262 -10.54 -10.53 4.33
N LEU B 263 -10.24 -10.34 3.06
CA LEU B 263 -10.14 -9.00 2.49
C LEU B 263 -11.44 -8.21 2.64
N LEU B 264 -12.59 -8.82 2.34
CA LEU B 264 -13.84 -8.09 2.47
C LEU B 264 -14.11 -7.78 3.93
N GLN B 265 -13.76 -8.70 4.83
CA GLN B 265 -13.88 -8.44 6.26
C GLN B 265 -13.11 -7.17 6.67
N GLU B 266 -11.88 -7.05 6.18
CA GLU B 266 -11.08 -5.83 6.44
C GLU B 266 -11.80 -4.61 5.88
N ILE B 267 -12.38 -4.75 4.70
CA ILE B 267 -13.11 -3.63 4.07
C ILE B 267 -14.31 -3.23 4.91
N TYR B 268 -15.08 -4.19 5.44
CA TYR B 268 -16.31 -3.84 6.20
C TYR B 268 -16.10 -3.54 7.69
N LYS B 269 -14.91 -3.86 8.22
CA LYS B 269 -14.53 -3.53 9.60
C LYS B 269 -15.12 -2.21 10.12
N ASP B 270 -15.01 -1.16 9.30
CA ASP B 270 -15.35 0.20 9.71
C ASP B 270 -16.25 0.93 8.70
N MET B 271 -17.53 0.57 8.67
CA MET B 271 -18.48 1.19 7.74
C MET B 271 -19.86 1.31 8.39
#